data_3MNF
#
_entry.id   3MNF
#
_cell.length_a   143.943
_cell.length_b   143.943
_cell.length_c   81.121
_cell.angle_alpha   90.00
_cell.angle_beta   90.00
_cell.angle_gamma   120.00
#
_symmetry.space_group_name_H-M   'P 63 2 2'
#
loop_
_entity.id
_entity.type
_entity.pdbx_description
1 polymer 'PAC2 family protein'
2 non-polymer 'CHLORIDE ION'
#
_entity_poly.entity_id   1
_entity_poly.type   'polypeptide(L)'
_entity_poly.pdbx_seq_one_letter_code
;SNAIDPV(MSE)VAAFEGWNDAGDAASTAVAHLDREWKGEVFAALDAEDYYDFQVNRPTVWLDGGVRKITWPTTRLSVVR
VGGEKPRDLVLVRGIEPS(MSE)RWRSFCNELLAFAHELGVELVVVLGALLGDTPHTRPVPVSGVTSDPDLART(MSE)D
LEETKYEGPTGIVGILQEACTHAGVPAVSLWAAVPHYVSQPPNPKATLALLNRLEDLIDVRIPLGELPEDARAWQVGVDQ
LAAEDSEVAEYVQSLEEARDTA
;
_entity_poly.pdbx_strand_id   A
#
loop_
_chem_comp.id
_chem_comp.type
_chem_comp.name
_chem_comp.formula
CL non-polymer 'CHLORIDE ION' 'Cl -1'
#
# COMPACT_ATOMS: atom_id res chain seq x y z
N ASP A 5 4.97 10.77 17.17
CA ASP A 5 4.14 9.54 17.46
C ASP A 5 4.37 8.57 16.31
N PRO A 6 4.26 7.24 16.58
CA PRO A 6 4.49 6.17 15.56
C PRO A 6 3.36 6.03 14.56
N VAL A 7 3.68 5.89 13.28
CA VAL A 7 2.67 5.74 12.23
C VAL A 7 2.77 4.35 11.61
N MSE A 8 1.63 3.74 11.32
CA MSE A 8 1.59 2.45 10.66
C MSE A 8 1.22 2.68 9.20
O MSE A 8 0.22 3.33 8.90
CB MSE A 8 0.57 1.53 11.35
CG MSE A 8 0.22 0.23 10.60
SE MSE A 8 -1.08 -0.89 11.58
CE MSE A 8 -0.04 -1.52 13.12
N VAL A 9 2.02 2.14 8.30
CA VAL A 9 1.73 2.23 6.88
C VAL A 9 1.55 0.83 6.37
N ALA A 10 0.37 0.53 5.83
CA ALA A 10 0.11 -0.83 5.42
C ALA A 10 -0.24 -0.93 3.95
N ALA A 11 0.00 -2.09 3.35
CA ALA A 11 -0.34 -2.34 1.96
C ALA A 11 -0.55 -3.82 1.75
N PHE A 12 -1.49 -4.18 0.87
CA PHE A 12 -1.85 -5.59 0.63
C PHE A 12 -1.84 -6.02 -0.84
N GLU A 13 -1.15 -7.11 -1.15
CA GLU A 13 -1.10 -7.61 -2.54
C GLU A 13 -2.47 -8.18 -2.97
N GLY A 14 -2.71 -8.23 -4.28
CA GLY A 14 -3.99 -8.73 -4.80
C GLY A 14 -4.94 -7.64 -5.26
N TRP A 15 -6.21 -7.80 -4.93
CA TRP A 15 -7.28 -6.97 -5.46
C TRP A 15 -7.19 -5.47 -5.17
N ASN A 16 -6.58 -5.04 -4.07
CA ASN A 16 -6.41 -3.59 -3.79
C ASN A 16 -5.06 -3.03 -4.27
N ASP A 17 -4.44 -3.68 -5.24
CA ASP A 17 -3.05 -3.44 -5.52
C ASP A 17 -2.77 -3.51 -7.01
N ALA A 18 -3.44 -2.62 -7.74
CA ALA A 18 -3.53 -2.66 -9.19
C ALA A 18 -2.22 -2.84 -9.99
N GLY A 19 -1.13 -2.20 -9.64
CA GLY A 19 0.06 -2.51 -10.44
C GLY A 19 1.13 -3.07 -9.54
N ASP A 20 0.72 -3.72 -8.46
CA ASP A 20 1.58 -3.95 -7.30
C ASP A 20 2.14 -2.60 -6.86
N ALA A 21 1.44 -1.52 -7.23
CA ALA A 21 1.95 -0.19 -6.98
C ALA A 21 2.02 0.06 -5.49
N ALA A 22 0.95 -0.32 -4.78
CA ALA A 22 0.86 -0.07 -3.35
C ALA A 22 1.77 -1.00 -2.62
N SER A 23 1.75 -2.28 -2.97
CA SER A 23 2.64 -3.22 -2.29
C SER A 23 4.13 -2.90 -2.48
N THR A 24 4.53 -2.38 -3.64
CA THR A 24 5.95 -2.07 -3.82
C THR A 24 6.31 -0.76 -3.12
N ALA A 25 5.34 0.12 -2.93
CA ALA A 25 5.60 1.35 -2.17
C ALA A 25 6.07 1.01 -0.75
N VAL A 26 5.39 0.08 -0.10
CA VAL A 26 5.79 -0.28 1.26
C VAL A 26 7.08 -1.11 1.22
N ALA A 27 7.23 -1.96 0.21
CA ALA A 27 8.45 -2.74 0.08
C ALA A 27 9.64 -1.77 0.04
N HIS A 28 9.47 -0.71 -0.75
CA HIS A 28 10.46 0.34 -0.94
C HIS A 28 10.83 1.01 0.38
N LEU A 29 9.84 1.33 1.20
CA LEU A 29 10.12 1.87 2.50
C LEU A 29 10.91 0.88 3.33
N ASP A 30 10.53 -0.39 3.28
CA ASP A 30 11.16 -1.41 4.10
C ASP A 30 12.60 -1.60 3.71
N ARG A 31 12.84 -1.63 2.40
CA ARG A 31 14.17 -1.78 1.85
C ARG A 31 15.04 -0.56 2.16
N GLU A 32 14.66 0.61 1.65
CA GLU A 32 15.48 1.83 1.78
C GLU A 32 15.83 2.14 3.23
N TRP A 33 14.88 1.95 4.14
CA TRP A 33 15.10 2.25 5.55
C TRP A 33 15.55 1.04 6.38
N LYS A 34 15.87 -0.06 5.72
CA LYS A 34 16.33 -1.30 6.37
C LYS A 34 15.45 -1.68 7.57
N GLY A 35 14.18 -1.99 7.29
CA GLY A 35 13.20 -2.23 8.34
C GLY A 35 13.42 -3.55 9.05
N GLU A 36 13.26 -3.53 10.36
CA GLU A 36 13.51 -4.73 11.17
C GLU A 36 12.19 -5.44 11.52
N VAL A 37 12.00 -6.65 10.99
CA VAL A 37 10.79 -7.49 11.24
C VAL A 37 10.62 -7.89 12.70
N PHE A 38 9.40 -7.88 13.20
CA PHE A 38 9.17 -8.41 14.53
C PHE A 38 7.90 -9.29 14.64
N ALA A 39 7.09 -9.37 13.60
CA ALA A 39 5.90 -10.22 13.68
C ALA A 39 5.33 -10.57 12.32
N ALA A 40 4.92 -11.81 12.17
CA ALA A 40 4.10 -12.19 11.03
C ALA A 40 2.76 -12.73 11.56
N LEU A 41 1.65 -12.37 10.93
CA LEU A 41 0.38 -12.98 11.31
C LEU A 41 0.38 -14.45 10.92
N ASP A 42 -0.28 -15.27 11.74
CA ASP A 42 -0.38 -16.69 11.51
C ASP A 42 -1.22 -17.00 10.27
N ALA A 43 -0.57 -17.37 9.17
CA ALA A 43 -1.24 -17.64 7.91
C ALA A 43 -2.37 -18.63 8.07
N GLU A 44 -2.14 -19.66 8.88
CA GLU A 44 -3.12 -20.69 9.19
C GLU A 44 -4.55 -20.17 9.39
N ASP A 45 -4.70 -18.96 9.94
CA ASP A 45 -6.02 -18.41 10.24
C ASP A 45 -6.68 -17.69 9.09
N TYR A 46 -5.92 -17.31 8.06
CA TYR A 46 -6.43 -16.34 7.12
C TYR A 46 -6.42 -16.69 5.63
N TYR A 47 -5.55 -17.63 5.27
CA TYR A 47 -5.19 -17.87 3.88
C TYR A 47 -5.60 -19.26 3.39
N ASP A 48 -6.33 -19.27 2.28
CA ASP A 48 -6.64 -20.46 1.54
C ASP A 48 -5.37 -20.72 0.76
N PHE A 49 -4.80 -21.91 0.91
CA PHE A 49 -3.48 -22.15 0.37
C PHE A 49 -3.54 -22.72 -1.02
N GLN A 50 -4.72 -22.94 -1.55
CA GLN A 50 -4.72 -23.35 -2.93
C GLN A 50 -4.74 -22.08 -3.76
N VAL A 51 -5.36 -21.04 -3.23
CA VAL A 51 -5.38 -19.74 -3.84
C VAL A 51 -4.05 -19.05 -3.63
N ASN A 52 -3.43 -19.28 -2.48
CA ASN A 52 -2.14 -18.68 -2.16
C ASN A 52 -1.13 -19.74 -1.84
N ARG A 53 -0.69 -20.44 -2.88
CA ARG A 53 0.20 -21.56 -2.73
C ARG A 53 1.53 -21.11 -2.10
N PRO A 54 1.95 -21.73 -0.98
CA PRO A 54 3.25 -21.44 -0.38
C PRO A 54 4.39 -21.92 -1.28
N THR A 55 5.58 -21.37 -1.12
CA THR A 55 6.67 -21.79 -2.05
C THR A 55 7.86 -22.45 -1.34
N VAL A 56 8.63 -23.22 -2.11
CA VAL A 56 9.81 -23.83 -1.55
C VAL A 56 11.06 -23.20 -2.16
N TRP A 57 12.01 -22.83 -1.32
CA TRP A 57 13.31 -22.36 -1.80
C TRP A 57 14.47 -23.11 -1.17
N LEU A 58 15.63 -22.99 -1.78
CA LEU A 58 16.82 -23.69 -1.34
C LEU A 58 17.76 -22.72 -0.67
N ASP A 59 18.10 -23.02 0.58
CA ASP A 59 19.02 -22.21 1.38
C ASP A 59 20.26 -23.05 1.70
N GLY A 60 21.40 -22.64 1.15
CA GLY A 60 22.52 -23.57 1.02
C GLY A 60 21.93 -24.76 0.28
N GLY A 61 22.20 -25.96 0.78
CA GLY A 61 21.53 -27.16 0.24
C GLY A 61 20.03 -27.34 0.49
N VAL A 62 19.52 -26.75 1.58
CA VAL A 62 18.31 -27.21 2.25
C VAL A 62 16.98 -26.55 1.80
N ARG A 63 15.95 -27.38 1.66
CA ARG A 63 14.61 -26.90 1.32
C ARG A 63 13.97 -26.10 2.47
N LYS A 64 13.38 -24.96 2.12
CA LYS A 64 12.68 -24.11 3.09
C LYS A 64 11.38 -23.52 2.56
N ILE A 65 10.41 -23.25 3.42
CA ILE A 65 9.08 -22.94 2.94
C ILE A 65 8.66 -21.52 3.27
N THR A 66 8.14 -20.81 2.29
CA THR A 66 7.61 -19.48 2.54
C THR A 66 6.08 -19.52 2.43
N TRP A 67 5.40 -19.06 3.47
CA TRP A 67 3.94 -19.03 3.48
C TRP A 67 3.47 -17.65 3.06
N PRO A 68 2.27 -17.54 2.47
CA PRO A 68 1.70 -16.22 2.34
C PRO A 68 1.43 -15.68 3.73
N THR A 69 1.73 -14.40 3.96
CA THR A 69 1.34 -13.82 5.26
C THR A 69 1.35 -12.29 5.26
N THR A 70 1.21 -11.69 6.43
CA THR A 70 1.23 -10.25 6.57
C THR A 70 2.25 -10.06 7.64
N ARG A 71 3.31 -9.32 7.30
CA ARG A 71 4.44 -9.22 8.18
C ARG A 71 4.60 -7.79 8.66
N LEU A 72 4.99 -7.63 9.92
CA LEU A 72 5.20 -6.33 10.54
C LEU A 72 6.68 -6.04 10.86
N SER A 73 7.16 -4.87 10.44
CA SER A 73 8.53 -4.43 10.75
C SER A 73 8.56 -2.97 11.16
N VAL A 74 9.62 -2.59 11.87
CA VAL A 74 9.84 -1.21 12.36
C VAL A 74 10.96 -0.54 11.58
N VAL A 75 10.71 0.69 11.15
CA VAL A 75 11.77 1.50 10.58
C VAL A 75 11.99 2.70 11.50
N ARG A 76 13.25 3.10 11.64
CA ARG A 76 13.59 4.32 12.38
C ARG A 76 14.03 5.43 11.43
N VAL A 77 13.10 6.35 11.17
CA VAL A 77 13.37 7.63 10.50
C VAL A 77 13.71 8.59 11.66
N GLY A 78 14.30 9.77 11.43
CA GLY A 78 14.72 10.26 10.13
C GLY A 78 15.67 11.41 10.37
N GLY A 79 15.13 12.60 10.61
CA GLY A 79 15.98 13.79 10.76
C GLY A 79 16.66 13.92 12.10
N GLU A 80 17.00 15.16 12.47
CA GLU A 80 17.27 15.49 13.86
C GLU A 80 15.97 15.40 14.64
N LYS A 81 14.87 15.17 13.91
CA LYS A 81 13.54 15.01 14.47
C LYS A 81 12.99 13.56 14.20
N PRO A 82 13.54 12.56 14.94
CA PRO A 82 13.38 11.12 14.65
C PRO A 82 12.02 10.58 14.99
N ARG A 83 11.76 9.38 14.49
CA ARG A 83 10.41 8.81 14.36
C ARG A 83 10.43 7.33 14.07
N ASP A 84 9.42 6.63 14.58
CA ASP A 84 9.27 5.22 14.21
C ASP A 84 8.08 5.02 13.30
N LEU A 85 8.28 4.21 12.27
CA LEU A 85 7.19 3.78 11.40
C LEU A 85 7.02 2.26 11.50
N VAL A 86 5.77 1.82 11.44
CA VAL A 86 5.44 0.41 11.54
C VAL A 86 4.91 0.04 10.18
N LEU A 87 5.64 -0.82 9.47
CA LEU A 87 5.21 -1.18 8.12
C LEU A 87 4.48 -2.52 8.15
N VAL A 88 3.39 -2.61 7.38
CA VAL A 88 2.64 -3.82 7.31
C VAL A 88 2.58 -4.25 5.87
N ARG A 89 3.20 -5.39 5.56
CA ARG A 89 3.26 -5.90 4.20
C ARG A 89 2.53 -7.22 4.11
N GLY A 90 1.36 -7.19 3.49
CA GLY A 90 0.53 -8.38 3.49
C GLY A 90 -0.01 -8.77 2.15
N ILE A 91 -0.52 -9.99 2.08
CA ILE A 91 -1.41 -10.42 1.01
C ILE A 91 -2.84 -10.22 1.56
N GLU A 92 -3.80 -9.80 0.75
CA GLU A 92 -5.16 -9.74 1.28
C GLU A 92 -5.63 -11.13 1.72
N PRO A 93 -6.10 -11.26 2.96
CA PRO A 93 -6.55 -12.59 3.39
C PRO A 93 -7.82 -13.03 2.66
N SER A 94 -8.03 -14.33 2.60
CA SER A 94 -9.26 -14.80 2.04
C SER A 94 -10.36 -15.06 3.09
N MSE A 95 -10.00 -15.15 4.37
CA MSE A 95 -11.03 -15.33 5.39
C MSE A 95 -10.78 -14.56 6.70
O MSE A 95 -9.77 -13.91 6.85
CB MSE A 95 -11.29 -16.79 5.65
CG MSE A 95 -10.04 -17.61 5.59
SE MSE A 95 -10.30 -19.48 5.78
CE MSE A 95 -9.88 -19.60 7.68
N ARG A 96 -11.74 -14.62 7.61
CA ARG A 96 -11.70 -13.93 8.91
C ARG A 96 -11.10 -12.50 8.92
N TRP A 97 -11.60 -11.66 8.02
CA TRP A 97 -11.13 -10.27 7.95
C TRP A 97 -11.30 -9.47 9.24
N ARG A 98 -12.40 -9.71 9.97
CA ARG A 98 -12.61 -9.01 11.23
C ARG A 98 -11.52 -9.31 12.26
N SER A 99 -11.08 -10.57 12.32
CA SER A 99 -10.02 -10.97 13.23
C SER A 99 -8.70 -10.45 12.72
N PHE A 100 -8.49 -10.55 11.42
CA PHE A 100 -7.28 -10.08 10.80
C PHE A 100 -7.04 -8.65 11.22
N CYS A 101 -8.09 -7.84 11.09
CA CYS A 101 -8.01 -6.42 11.35
C CYS A 101 -7.82 -6.15 12.81
N ASN A 102 -8.48 -6.92 13.67
CA ASN A 102 -8.29 -6.82 15.10
C ASN A 102 -6.86 -7.13 15.46
N GLU A 103 -6.26 -8.09 14.79
CA GLU A 103 -4.89 -8.49 15.07
C GLU A 103 -3.94 -7.32 14.80
N LEU A 104 -4.12 -6.65 13.66
CA LEU A 104 -3.28 -5.50 13.34
C LEU A 104 -3.54 -4.37 14.34
N LEU A 105 -4.79 -4.12 14.68
CA LEU A 105 -5.13 -3.11 15.70
C LEU A 105 -4.57 -3.38 17.08
N ALA A 106 -4.31 -4.65 17.41
CA ALA A 106 -3.70 -4.99 18.70
C ALA A 106 -2.23 -4.57 18.69
N PHE A 107 -1.55 -4.85 17.57
CA PHE A 107 -0.20 -4.40 17.41
C PHE A 107 -0.17 -2.89 17.47
N ALA A 108 -1.08 -2.25 16.73
CA ALA A 108 -1.13 -0.81 16.71
C ALA A 108 -1.24 -0.30 18.14
N HIS A 109 -2.10 -0.94 18.93
CA HIS A 109 -2.30 -0.53 20.29
C HIS A 109 -1.08 -0.72 21.17
N GLU A 110 -0.49 -1.92 21.14
CA GLU A 110 0.70 -2.18 21.94
C GLU A 110 1.80 -1.20 21.62
N LEU A 111 1.91 -0.85 20.34
CA LEU A 111 2.99 0.02 19.87
C LEU A 111 2.66 1.48 20.02
N GLY A 112 1.44 1.81 20.42
CA GLY A 112 1.02 3.19 20.55
C GLY A 112 0.92 3.92 19.22
N VAL A 113 0.59 3.21 18.14
CA VAL A 113 0.38 3.87 16.85
C VAL A 113 -0.70 4.95 16.95
N GLU A 114 -0.39 6.15 16.47
CA GLU A 114 -1.34 7.26 16.54
C GLU A 114 -2.12 7.50 15.26
N LEU A 115 -1.60 7.00 14.15
CA LEU A 115 -2.23 7.13 12.85
C LEU A 115 -1.92 5.93 11.96
N VAL A 116 -2.95 5.42 11.28
CA VAL A 116 -2.77 4.34 10.30
C VAL A 116 -3.00 4.83 8.87
N VAL A 117 -1.97 4.75 8.02
CA VAL A 117 -2.18 5.02 6.60
C VAL A 117 -2.14 3.73 5.78
N VAL A 118 -3.17 3.51 4.96
CA VAL A 118 -3.18 2.32 4.13
C VAL A 118 -3.05 2.72 2.65
N LEU A 119 -2.24 1.99 1.90
CA LEU A 119 -2.02 2.37 0.52
C LEU A 119 -2.71 1.39 -0.41
N GLY A 120 -3.29 1.87 -1.48
CA GLY A 120 -3.86 0.98 -2.46
C GLY A 120 -3.78 1.51 -3.89
N ALA A 121 -3.97 0.60 -4.84
CA ALA A 121 -4.14 1.00 -6.22
C ALA A 121 -5.33 0.31 -6.86
N LEU A 122 -6.05 1.04 -7.70
CA LEU A 122 -7.14 0.48 -8.48
C LEU A 122 -6.90 0.84 -9.94
N LEU A 123 -7.63 0.19 -10.85
CA LEU A 123 -7.57 0.53 -12.27
C LEU A 123 -8.53 1.68 -12.54
N GLY A 124 -8.04 2.76 -13.10
CA GLY A 124 -8.88 3.91 -13.41
C GLY A 124 -8.89 4.28 -14.87
N ASP A 125 -9.49 5.43 -15.13
CA ASP A 125 -9.67 5.97 -16.49
C ASP A 125 -8.77 7.16 -16.81
N THR A 126 -7.54 7.18 -16.29
CA THR A 126 -6.59 8.23 -16.65
C THR A 126 -5.50 7.65 -17.57
N PRO A 127 -5.10 8.41 -18.62
CA PRO A 127 -4.04 8.05 -19.57
C PRO A 127 -2.66 7.93 -18.93
N HIS A 128 -1.75 7.21 -19.59
CA HIS A 128 -0.35 7.21 -19.18
C HIS A 128 0.28 8.56 -19.52
N THR A 129 -0.31 9.26 -20.48
CA THR A 129 0.16 10.56 -20.97
C THR A 129 -0.04 11.69 -19.96
N ARG A 130 -0.27 11.34 -18.69
CA ARG A 130 -0.68 12.31 -17.68
C ARG A 130 -0.43 11.75 -16.27
N PRO A 131 -0.21 12.63 -15.26
CA PRO A 131 0.07 12.20 -13.88
C PRO A 131 -1.01 11.33 -13.24
N VAL A 132 -0.58 10.51 -12.28
CA VAL A 132 -1.41 9.52 -11.59
C VAL A 132 -2.24 10.15 -10.48
N PRO A 133 -3.59 9.99 -10.53
CA PRO A 133 -4.44 10.50 -9.46
C PRO A 133 -4.29 9.65 -8.22
N VAL A 134 -4.13 10.32 -7.08
CA VAL A 134 -4.16 9.68 -5.79
C VAL A 134 -5.29 10.33 -5.00
N SER A 135 -6.22 9.55 -4.48
CA SER A 135 -7.29 10.10 -3.64
C SER A 135 -7.36 9.41 -2.30
N GLY A 136 -7.72 10.15 -1.25
CA GLY A 136 -7.88 9.60 0.09
C GLY A 136 -9.29 9.14 0.46
N VAL A 137 -9.37 8.34 1.50
CA VAL A 137 -10.64 7.95 2.08
C VAL A 137 -10.38 7.96 3.57
N THR A 138 -11.28 8.60 4.31
CA THR A 138 -11.22 8.63 5.77
C THR A 138 -12.64 8.73 6.32
N SER A 139 -12.84 8.21 7.52
CA SER A 139 -14.09 8.40 8.26
C SER A 139 -13.83 9.12 9.57
N ASP A 140 -12.60 9.59 9.71
CA ASP A 140 -12.19 10.51 10.76
C ASP A 140 -12.58 11.93 10.33
N PRO A 141 -13.60 12.54 10.96
CA PRO A 141 -14.03 13.87 10.51
C PRO A 141 -12.92 14.90 10.64
N ASP A 142 -12.04 14.69 11.61
CA ASP A 142 -10.89 15.54 11.87
C ASP A 142 -9.91 15.53 10.68
N LEU A 143 -9.36 14.36 10.38
CA LEU A 143 -8.44 14.20 9.25
C LEU A 143 -9.03 14.74 7.95
N ALA A 144 -10.33 14.55 7.76
CA ALA A 144 -11.02 15.03 6.57
C ALA A 144 -10.76 16.53 6.36
N ARG A 145 -10.85 17.33 7.43
CA ARG A 145 -10.42 18.74 7.46
C ARG A 145 -8.91 18.86 7.44
N THR A 146 -8.25 18.28 8.45
CA THR A 146 -6.79 18.36 8.65
C THR A 146 -5.92 18.08 7.41
N MSE A 147 -6.40 17.25 6.48
CA MSE A 147 -5.87 17.21 5.09
C MSE A 147 -6.99 17.74 4.21
O MSE A 147 -8.04 18.14 4.72
CB MSE A 147 -5.42 15.80 4.69
CG MSE A 147 -6.57 14.82 4.39
SE MSE A 147 -6.08 12.90 4.40
CE MSE A 147 -5.63 12.75 6.28
N ASP A 148 -6.81 17.79 2.89
CA ASP A 148 -7.89 18.35 2.07
C ASP A 148 -8.88 17.31 1.53
N LEU A 149 -8.68 16.04 1.91
CA LEU A 149 -9.42 14.87 1.34
C LEU A 149 -10.73 15.26 0.66
N GLU A 150 -10.64 15.41 -0.67
CA GLU A 150 -11.69 15.91 -1.58
C GLU A 150 -13.12 15.41 -1.28
N GLU A 151 -13.34 14.10 -1.40
CA GLU A 151 -14.55 13.42 -0.92
C GLU A 151 -14.63 11.97 -1.37
N THR A 152 -15.66 11.27 -0.88
CA THR A 152 -15.93 9.88 -1.24
C THR A 152 -17.36 9.71 -1.74
N LYS A 153 -17.49 9.43 -3.04
CA LYS A 153 -18.78 9.06 -3.59
C LYS A 153 -19.00 7.53 -3.48
N TYR A 154 -17.90 6.79 -3.39
CA TYR A 154 -17.90 5.34 -3.56
C TYR A 154 -18.85 4.48 -2.72
N GLU A 155 -19.64 3.70 -3.45
CA GLU A 155 -20.49 2.65 -2.92
C GLU A 155 -20.33 1.41 -3.80
N GLY A 156 -19.98 0.27 -3.20
CA GLY A 156 -19.75 -0.95 -3.96
C GLY A 156 -18.92 -1.97 -3.19
N PRO A 157 -18.39 -2.98 -3.89
CA PRO A 157 -17.53 -3.96 -3.21
C PRO A 157 -16.28 -3.31 -2.65
N THR A 158 -15.84 -3.78 -1.49
CA THR A 158 -14.67 -3.23 -0.86
C THR A 158 -13.66 -4.34 -0.61
N GLY A 159 -12.46 -3.99 -0.17
CA GLY A 159 -11.47 -5.01 0.14
C GLY A 159 -10.97 -4.88 1.56
N ILE A 160 -9.83 -5.52 1.84
CA ILE A 160 -9.29 -5.50 3.19
C ILE A 160 -8.81 -4.09 3.57
N VAL A 161 -8.43 -3.29 2.56
CA VAL A 161 -8.00 -1.91 2.80
C VAL A 161 -9.20 -1.16 3.32
N GLY A 162 -10.31 -1.24 2.60
CA GLY A 162 -11.54 -0.59 3.02
C GLY A 162 -11.93 -1.03 4.42
N ILE A 163 -11.96 -2.36 4.62
CA ILE A 163 -12.33 -2.92 5.91
C ILE A 163 -11.41 -2.44 7.02
N LEU A 164 -10.11 -2.45 6.77
CA LEU A 164 -9.14 -2.09 7.80
C LEU A 164 -9.30 -0.63 8.19
N GLN A 165 -9.42 0.23 7.18
CA GLN A 165 -9.59 1.65 7.42
C GLN A 165 -10.89 1.87 8.22
N GLU A 166 -11.91 1.08 7.98
CA GLU A 166 -13.13 1.22 8.78
C GLU A 166 -13.03 0.65 10.20
N ALA A 167 -12.29 -0.45 10.35
CA ALA A 167 -12.04 -1.05 11.64
C ALA A 167 -11.32 -0.05 12.54
N CYS A 168 -10.37 0.68 11.96
CA CYS A 168 -9.66 1.73 12.68
C CYS A 168 -10.60 2.78 13.26
N THR A 169 -11.52 3.29 12.45
CA THR A 169 -12.31 4.42 12.93
C THR A 169 -13.26 3.94 14.02
N HIS A 170 -13.84 2.76 13.85
CA HIS A 170 -14.65 2.13 14.90
C HIS A 170 -13.82 1.92 16.18
N ALA A 171 -12.52 1.65 16.01
CA ALA A 171 -11.60 1.52 17.14
C ALA A 171 -11.16 2.86 17.70
N GLY A 172 -11.40 3.96 16.99
CA GLY A 172 -10.99 5.30 17.46
C GLY A 172 -9.51 5.56 17.23
N VAL A 173 -8.94 4.86 16.26
CA VAL A 173 -7.60 5.11 15.75
C VAL A 173 -7.73 5.80 14.39
N PRO A 174 -7.28 7.06 14.29
CA PRO A 174 -7.34 7.80 13.02
C PRO A 174 -6.71 7.02 11.89
N ALA A 175 -7.43 6.84 10.80
CA ALA A 175 -6.84 6.16 9.64
C ALA A 175 -7.29 6.78 8.33
N VAL A 176 -6.41 6.71 7.35
CA VAL A 176 -6.74 7.14 5.99
C VAL A 176 -6.13 6.14 5.03
N SER A 177 -6.81 5.91 3.92
CA SER A 177 -6.19 5.14 2.87
C SER A 177 -6.00 6.03 1.66
N LEU A 178 -4.85 5.86 1.00
CA LEU A 178 -4.53 6.57 -0.23
C LEU A 178 -4.64 5.62 -1.39
N TRP A 179 -5.37 6.04 -2.42
CA TRP A 179 -5.56 5.24 -3.62
C TRP A 179 -4.93 5.86 -4.88
N ALA A 180 -4.19 5.07 -5.63
CA ALA A 180 -3.69 5.56 -6.90
C ALA A 180 -4.49 4.89 -8.00
N ALA A 181 -4.82 5.63 -9.05
CA ALA A 181 -5.54 5.05 -10.19
C ALA A 181 -4.57 4.71 -11.30
N VAL A 182 -4.52 3.45 -11.67
CA VAL A 182 -3.58 2.96 -12.67
C VAL A 182 -4.30 2.72 -14.01
N PRO A 183 -3.81 3.34 -15.11
CA PRO A 183 -4.43 3.19 -16.45
C PRO A 183 -4.73 1.74 -16.76
N HIS A 184 -6.01 1.42 -16.98
CA HIS A 184 -6.42 0.01 -17.08
C HIS A 184 -5.87 -0.70 -18.32
N TYR A 185 -5.63 0.05 -19.38
CA TYR A 185 -5.08 -0.52 -20.60
C TYR A 185 -3.62 -0.95 -20.43
N VAL A 186 -2.94 -0.40 -19.42
CA VAL A 186 -1.57 -0.82 -19.07
C VAL A 186 -1.47 -1.23 -17.59
N SER A 187 -1.95 -2.43 -17.26
CA SER A 187 -2.04 -2.81 -15.84
C SER A 187 -0.96 -3.78 -15.32
N GLN A 188 0.01 -4.14 -16.16
CA GLN A 188 1.03 -5.15 -15.79
C GLN A 188 1.98 -4.72 -14.65
N PRO A 189 2.04 -5.53 -13.57
CA PRO A 189 2.71 -5.39 -12.28
C PRO A 189 3.94 -4.47 -12.16
N PRO A 190 4.77 -4.33 -13.20
CA PRO A 190 5.74 -3.26 -12.85
C PRO A 190 5.17 -1.87 -13.14
N ASN A 191 4.79 -1.14 -12.09
CA ASN A 191 4.29 0.24 -12.28
C ASN A 191 4.96 1.27 -11.37
N PRO A 192 6.19 1.70 -11.71
CA PRO A 192 6.95 2.61 -10.86
C PRO A 192 6.33 4.00 -10.76
N LYS A 193 5.68 4.46 -11.83
CA LYS A 193 5.07 5.79 -11.84
C LYS A 193 4.00 5.97 -10.75
N ALA A 194 3.15 4.96 -10.57
CA ALA A 194 2.11 5.01 -9.53
C ALA A 194 2.62 4.74 -8.11
N THR A 195 3.63 3.89 -8.01
CA THR A 195 4.27 3.68 -6.72
C THR A 195 4.77 5.04 -6.25
N LEU A 196 5.40 5.76 -7.17
CA LEU A 196 5.97 7.04 -6.86
C LEU A 196 4.90 8.05 -6.47
N ALA A 197 3.73 7.95 -7.12
CA ALA A 197 2.64 8.87 -6.84
C ALA A 197 2.17 8.70 -5.39
N LEU A 198 2.10 7.44 -4.94
CA LEU A 198 1.71 7.10 -3.57
C LEU A 198 2.73 7.64 -2.60
N LEU A 199 4.00 7.34 -2.85
CA LEU A 199 5.09 7.77 -1.97
C LEU A 199 5.15 9.27 -1.80
N ASN A 200 5.01 10.02 -2.89
CA ASN A 200 4.92 11.48 -2.80
C ASN A 200 3.78 11.95 -1.89
N ARG A 201 2.61 11.33 -2.01
CA ARG A 201 1.44 11.80 -1.31
C ARG A 201 1.55 11.48 0.17
N LEU A 202 2.14 10.33 0.46
CA LEU A 202 2.40 9.88 1.82
C LEU A 202 3.33 10.84 2.53
N GLU A 203 4.31 11.36 1.79
CA GLU A 203 5.33 12.24 2.34
C GLU A 203 4.70 13.54 2.85
N ASP A 204 3.74 14.04 2.09
CA ASP A 204 3.01 15.26 2.44
C ASP A 204 2.11 15.06 3.66
N LEU A 205 1.59 13.85 3.81
CA LEU A 205 0.69 13.54 4.90
C LEU A 205 1.43 13.33 6.22
N ILE A 206 2.50 12.56 6.15
CA ILE A 206 3.26 12.10 7.30
C ILE A 206 4.33 13.13 7.66
N ASP A 207 4.70 13.94 6.69
CA ASP A 207 5.82 14.88 6.85
C ASP A 207 7.13 14.14 7.16
N VAL A 208 7.55 13.32 6.21
CA VAL A 208 8.72 12.47 6.36
C VAL A 208 9.42 12.39 5.02
N ARG A 209 10.72 12.70 5.00
CA ARG A 209 11.54 12.55 3.81
C ARG A 209 11.63 11.08 3.41
N ILE A 210 11.11 10.73 2.23
CA ILE A 210 11.24 9.35 1.73
C ILE A 210 12.30 9.27 0.63
N PRO A 211 13.33 8.42 0.82
CA PRO A 211 14.33 8.23 -0.23
C PRO A 211 13.74 7.40 -1.37
N LEU A 212 13.72 7.97 -2.57
CA LEU A 212 13.04 7.37 -3.72
C LEU A 212 13.95 6.48 -4.56
N GLY A 213 15.22 6.38 -4.18
CA GLY A 213 16.20 5.53 -4.88
C GLY A 213 16.08 5.62 -6.39
N GLU A 214 15.97 4.46 -7.04
CA GLU A 214 15.96 4.38 -8.50
C GLU A 214 14.58 4.64 -9.12
N LEU A 215 13.55 4.79 -8.28
CA LEU A 215 12.16 4.99 -8.75
C LEU A 215 11.89 6.13 -9.74
N PRO A 216 12.36 7.36 -9.45
CA PRO A 216 12.10 8.43 -10.43
C PRO A 216 12.59 8.13 -11.85
N GLU A 217 13.75 7.49 -11.96
CA GLU A 217 14.25 7.00 -13.25
C GLU A 217 13.34 5.92 -13.82
N ASP A 218 12.99 4.94 -12.98
CA ASP A 218 12.19 3.80 -13.39
C ASP A 218 10.88 4.22 -14.05
N ALA A 219 10.26 5.26 -13.50
CA ALA A 219 8.94 5.71 -13.92
C ALA A 219 9.00 6.37 -15.29
N ARG A 220 10.03 7.19 -15.46
CA ARG A 220 10.33 7.83 -16.73
C ARG A 220 10.57 6.75 -17.79
N ALA A 221 11.37 5.74 -17.45
CA ALA A 221 11.65 4.60 -18.34
C ALA A 221 10.37 3.91 -18.81
N TRP A 222 9.51 3.64 -17.85
CA TRP A 222 8.21 3.02 -18.05
C TRP A 222 7.37 3.79 -19.06
N GLN A 223 7.33 5.10 -18.91
CA GLN A 223 6.53 5.96 -19.80
C GLN A 223 7.12 6.03 -21.21
N VAL A 224 8.43 6.28 -21.29
CA VAL A 224 9.09 6.29 -22.60
C VAL A 224 9.22 4.87 -23.14
N GLY A 225 8.75 3.91 -22.34
CA GLY A 225 8.62 2.51 -22.75
C GLY A 225 7.23 2.23 -23.32
N VAL A 226 6.19 2.60 -22.56
CA VAL A 226 4.80 2.45 -23.00
C VAL A 226 4.51 3.29 -24.25
N ASP A 227 5.01 4.52 -24.27
CA ASP A 227 4.82 5.43 -25.40
C ASP A 227 5.15 4.80 -26.75
N GLN A 228 6.07 3.83 -26.75
CA GLN A 228 6.44 3.14 -27.97
C GLN A 228 5.31 2.27 -28.53
N LEU A 229 4.38 1.86 -27.68
CA LEU A 229 3.18 1.15 -28.15
C LEU A 229 2.25 2.11 -28.91
N ALA A 230 2.44 2.18 -30.24
CA ALA A 230 1.74 3.13 -31.12
C ALA A 230 0.61 2.47 -31.92
N ASP A 233 -5.25 2.96 -32.93
CA ASP A 233 -5.27 2.23 -31.68
C ASP A 233 -5.21 3.17 -30.44
N SER A 234 -5.07 4.48 -30.72
CA SER A 234 -4.89 5.51 -29.68
C SER A 234 -6.20 5.90 -28.98
N GLU A 235 -6.66 5.04 -28.08
CA GLU A 235 -7.81 5.34 -27.23
C GLU A 235 -7.44 6.30 -26.09
N VAL A 236 -6.12 6.49 -25.88
CA VAL A 236 -5.59 7.44 -24.89
C VAL A 236 -5.88 8.89 -25.30
N ALA A 237 -5.91 9.12 -26.62
CA ALA A 237 -6.37 10.39 -27.19
C ALA A 237 -7.85 10.56 -26.82
N GLU A 238 -8.63 9.52 -27.09
CA GLU A 238 -10.05 9.48 -26.72
C GLU A 238 -10.27 9.72 -25.21
N TYR A 239 -9.44 9.09 -24.37
CA TYR A 239 -9.59 9.20 -22.88
C TYR A 239 -8.88 10.41 -22.26
N VAL A 240 -8.64 11.45 -23.05
CA VAL A 240 -8.02 12.69 -22.56
C VAL A 240 -8.93 13.90 -22.74
N GLN A 241 -9.69 13.92 -23.85
CA GLN A 241 -10.62 15.00 -24.17
C GLN A 241 -11.89 14.93 -23.32
CL CL B . -12.67 1.43 -0.42
#